data_4KD7
#
_entry.id   4KD7
#
_cell.length_a   105.258
_cell.length_b   105.249
_cell.length_c   144.684
_cell.angle_alpha   90.00
_cell.angle_beta   90.00
_cell.angle_gamma   90.00
#
_symmetry.space_group_name_H-M   'C 2 2 21'
#
loop_
_entity.id
_entity.type
_entity.pdbx_description
1 polymer 'Dihydrofolate reductase'
2 non-polymer 'NADPH DIHYDRO-NICOTINAMIDE-ADENINE-DINUCLEOTIDE PHOSPHATE'
3 non-polymer 6-ethyl-5-{3-[3-methoxy-5-(pyridin-4-yl)phenyl]prop-1-yn-1-yl}pyrimidine-2,4-diamine
4 non-polymer 'SULFATE ION'
5 water water
#
_entity_poly.entity_id   1
_entity_poly.type   'polypeptide(L)'
_entity_poly.pdbx_seq_one_letter_code
;VGSLNCIVAVSQNMGIGKNGDLPWPPLRNEFRYFQRMTTTSSVEGKQNLVIMGKKTWFSIPEKNRPLKGRINLVLSRELK
EPPQGAHFLSRSLDDALKLTEQPELANKVDMVWIVGGSSVYKEAMNHPGHLKLFVTRIMQDFESDTFFPEIDLEKYKLLP
EYPGVLSDVQEEKGIKYKFEVYEKND
;
_entity_poly.pdbx_strand_id   A,B
#
# COMPACT_ATOMS: atom_id res chain seq x y z
N VAL A 1 -21.87 17.87 -7.72
CA VAL A 1 -20.81 16.93 -8.10
C VAL A 1 -19.92 16.60 -6.90
N GLY A 2 -19.84 15.31 -6.60
CA GLY A 2 -19.07 14.85 -5.46
C GLY A 2 -17.71 14.27 -5.80
N SER A 3 -17.42 13.12 -5.21
CA SER A 3 -16.11 12.49 -5.26
C SER A 3 -15.66 12.13 -6.67
N LEU A 4 -14.34 12.10 -6.87
CA LEU A 4 -13.75 11.56 -8.09
C LEU A 4 -13.06 10.21 -7.79
N ASN A 5 -13.61 9.15 -8.36
CA ASN A 5 -13.16 7.81 -8.06
C ASN A 5 -12.92 7.00 -9.32
N CYS A 6 -11.89 6.17 -9.32
CA CYS A 6 -11.66 5.18 -10.36
C CYS A 6 -12.03 3.84 -9.76
N ILE A 7 -12.50 2.91 -10.59
CA ILE A 7 -12.74 1.55 -10.12
C ILE A 7 -12.30 0.55 -11.17
N VAL A 8 -11.50 -0.43 -10.76
CA VAL A 8 -10.89 -1.35 -11.69
C VAL A 8 -10.65 -2.72 -11.04
N ALA A 9 -10.78 -3.77 -11.83
CA ALA A 9 -10.34 -5.09 -11.41
C ALA A 9 -9.12 -5.44 -12.24
N VAL A 10 -8.04 -5.83 -11.59
CA VAL A 10 -6.77 -6.01 -12.26
C VAL A 10 -6.06 -7.29 -11.83
N SER A 11 -5.53 -8.02 -12.80
CA SER A 11 -4.85 -9.28 -12.53
C SER A 11 -3.44 -9.02 -11.99
N GLN A 12 -2.74 -10.11 -11.67
CA GLN A 12 -1.41 -10.02 -11.09
C GLN A 12 -0.40 -9.48 -12.11
N ASN A 13 -0.63 -9.78 -13.39
CA ASN A 13 0.21 -9.25 -14.46
C ASN A 13 -0.32 -7.91 -14.96
N MET A 14 -1.05 -7.23 -14.08
N MET A 14 -1.05 -7.21 -14.09
CA MET A 14 -1.59 -5.90 -14.35
CA MET A 14 -1.59 -5.88 -14.37
C MET A 14 -2.60 -5.84 -15.51
C MET A 14 -2.61 -5.84 -15.51
N GLY A 15 -3.20 -6.99 -15.83
CA GLY A 15 -4.16 -7.07 -16.92
C GLY A 15 -5.58 -6.74 -16.52
N ILE A 16 -6.32 -6.10 -17.41
CA ILE A 16 -7.70 -5.75 -17.16
C ILE A 16 -8.65 -6.21 -18.27
N GLY A 17 -8.10 -6.51 -19.45
CA GLY A 17 -8.93 -6.91 -20.57
C GLY A 17 -8.30 -7.90 -21.52
N LYS A 18 -9.15 -8.61 -22.26
CA LYS A 18 -8.70 -9.59 -23.25
C LYS A 18 -9.80 -9.81 -24.28
N ASN A 19 -9.52 -9.43 -25.52
CA ASN A 19 -10.48 -9.58 -26.63
C ASN A 19 -11.84 -8.94 -26.36
N GLY A 20 -11.83 -7.74 -25.79
CA GLY A 20 -13.06 -7.03 -25.50
C GLY A 20 -13.86 -7.69 -24.39
N ASP A 21 -13.17 -8.43 -23.54
CA ASP A 21 -13.80 -9.12 -22.42
C ASP A 21 -12.84 -9.11 -21.25
N LEU A 22 -13.31 -9.58 -20.09
CA LEU A 22 -12.45 -9.67 -18.93
C LEU A 22 -11.53 -10.89 -19.08
N PRO A 23 -10.28 -10.76 -18.62
CA PRO A 23 -9.30 -11.84 -18.76
C PRO A 23 -9.68 -13.10 -17.99
N TRP A 24 -10.48 -12.92 -16.94
CA TRP A 24 -10.86 -14.00 -16.05
C TRP A 24 -12.33 -14.36 -16.26
N PRO A 25 -12.72 -15.59 -15.86
N PRO A 25 -12.72 -15.60 -15.90
CA PRO A 25 -14.13 -15.98 -15.89
CA PRO A 25 -14.14 -15.98 -15.96
C PRO A 25 -14.95 -15.08 -14.98
C PRO A 25 -14.96 -15.15 -14.96
N PRO A 26 -16.28 -15.02 -15.19
CA PRO A 26 -17.15 -14.18 -14.37
C PRO A 26 -17.03 -14.43 -12.87
N LEU A 27 -16.72 -13.37 -12.13
CA LEU A 27 -16.69 -13.43 -10.68
C LEU A 27 -17.90 -12.66 -10.19
N ARG A 28 -18.90 -13.39 -9.69
CA ARG A 28 -20.20 -12.82 -9.36
C ARG A 28 -20.12 -11.68 -8.34
N ASN A 29 -19.35 -11.89 -7.28
CA ASN A 29 -19.30 -10.91 -6.20
C ASN A 29 -18.42 -9.70 -6.50
N GLU A 30 -17.46 -9.88 -7.41
CA GLU A 30 -16.65 -8.77 -7.88
C GLU A 30 -17.56 -7.86 -8.70
N PHE A 31 -18.43 -8.50 -9.49
CA PHE A 31 -19.42 -7.79 -10.29
C PHE A 31 -20.41 -7.05 -9.41
N ARG A 32 -20.90 -7.73 -8.36
CA ARG A 32 -21.85 -7.13 -7.44
C ARG A 32 -21.20 -5.95 -6.73
N TYR A 33 -19.92 -6.10 -6.42
CA TYR A 33 -19.16 -5.06 -5.77
C TYR A 33 -19.06 -3.84 -6.68
N PHE A 34 -18.74 -4.07 -7.96
CA PHE A 34 -18.64 -3.00 -8.93
C PHE A 34 -19.98 -2.26 -9.06
N GLN A 35 -21.05 -3.04 -9.20
CA GLN A 35 -22.39 -2.48 -9.37
C GLN A 35 -22.82 -1.64 -8.18
N ARG A 36 -22.60 -2.15 -6.98
N ARG A 36 -22.67 -2.19 -6.98
CA ARG A 36 -23.06 -1.45 -5.78
CA ARG A 36 -23.02 -1.49 -5.76
C ARG A 36 -22.19 -0.23 -5.46
C ARG A 36 -22.22 -0.21 -5.61
N MET A 37 -20.91 -0.31 -5.78
CA MET A 37 -20.03 0.83 -5.58
C MET A 37 -20.31 1.96 -6.57
N THR A 38 -20.59 1.61 -7.83
CA THR A 38 -20.83 2.63 -8.84
C THR A 38 -22.26 3.18 -8.82
N THR A 39 -23.22 2.38 -8.37
CA THR A 39 -24.63 2.77 -8.42
C THR A 39 -25.09 3.57 -7.21
N THR A 40 -24.52 3.26 -6.04
CA THR A 40 -25.01 3.82 -4.79
C THR A 40 -24.68 5.29 -4.62
N SER A 41 -25.72 6.13 -4.65
CA SER A 41 -25.57 7.56 -4.41
C SER A 41 -25.82 7.89 -2.93
N SER A 42 -25.05 8.83 -2.41
CA SER A 42 -25.17 9.23 -1.01
C SER A 42 -26.15 10.39 -0.83
N VAL A 43 -26.81 10.78 -1.92
CA VAL A 43 -27.71 11.94 -1.90
C VAL A 43 -29.02 11.61 -2.61
N GLU A 44 -30.14 11.89 -1.92
CA GLU A 44 -31.46 11.66 -2.49
C GLU A 44 -31.70 12.49 -3.74
N GLY A 45 -32.33 11.87 -4.74
CA GLY A 45 -32.66 12.54 -5.97
C GLY A 45 -31.52 12.65 -6.95
N LYS A 46 -30.34 12.15 -6.56
CA LYS A 46 -29.17 12.20 -7.43
C LYS A 46 -28.68 10.82 -7.83
N GLN A 47 -28.06 10.75 -9.00
CA GLN A 47 -27.46 9.51 -9.50
C GLN A 47 -25.95 9.69 -9.61
N ASN A 48 -25.22 8.57 -9.63
CA ASN A 48 -23.79 8.62 -9.92
C ASN A 48 -23.54 8.63 -11.42
N LEU A 49 -22.42 9.22 -11.81
CA LEU A 49 -22.02 9.31 -13.21
C LEU A 49 -20.92 8.29 -13.49
N VAL A 50 -21.09 7.47 -14.51
CA VAL A 50 -20.00 6.60 -14.93
C VAL A 50 -19.38 7.12 -16.23
N ILE A 51 -18.07 7.28 -16.22
CA ILE A 51 -17.31 7.72 -17.38
C ILE A 51 -16.50 6.54 -17.91
N MET A 52 -16.68 6.21 -19.18
CA MET A 52 -15.95 5.12 -19.78
C MET A 52 -15.48 5.44 -21.19
N GLY A 53 -14.49 4.69 -21.65
CA GLY A 53 -14.02 4.79 -23.02
C GLY A 53 -14.95 4.03 -23.96
N LYS A 54 -14.75 4.23 -25.25
CA LYS A 54 -15.63 3.63 -26.26
C LYS A 54 -15.60 2.10 -26.23
N LYS A 55 -14.40 1.54 -26.11
CA LYS A 55 -14.22 0.10 -26.10
C LYS A 55 -14.85 -0.54 -24.86
N THR A 56 -14.69 0.12 -23.72
CA THR A 56 -15.33 -0.35 -22.49
C THR A 56 -16.83 -0.33 -22.66
N TRP A 57 -17.35 0.74 -23.28
CA TRP A 57 -18.77 0.84 -23.55
C TRP A 57 -19.25 -0.33 -24.40
N PHE A 58 -18.55 -0.62 -25.48
CA PHE A 58 -18.97 -1.69 -26.38
C PHE A 58 -18.65 -3.10 -25.87
N SER A 59 -17.88 -3.19 -24.80
CA SER A 59 -17.56 -4.50 -24.24
C SER A 59 -18.69 -4.95 -23.32
N ILE A 60 -19.50 -3.99 -22.89
CA ILE A 60 -20.66 -4.27 -22.06
C ILE A 60 -21.78 -4.81 -22.94
N PRO A 61 -22.35 -5.96 -22.57
CA PRO A 61 -23.45 -6.59 -23.31
C PRO A 61 -24.55 -5.58 -23.62
N GLU A 62 -25.00 -5.55 -24.88
CA GLU A 62 -25.95 -4.56 -25.38
C GLU A 62 -27.20 -4.42 -24.53
N LYS A 63 -27.66 -5.53 -23.96
CA LYS A 63 -28.89 -5.53 -23.16
C LYS A 63 -28.65 -4.95 -21.78
N ASN A 64 -27.38 -4.67 -21.47
CA ASN A 64 -27.02 -4.07 -20.19
C ASN A 64 -26.56 -2.62 -20.35
N ARG A 65 -26.65 -2.09 -21.57
CA ARG A 65 -26.32 -0.69 -21.84
C ARG A 65 -27.59 0.13 -21.99
N PRO A 66 -27.62 1.33 -21.39
CA PRO A 66 -26.55 1.88 -20.55
C PRO A 66 -26.57 1.25 -19.16
N LEU A 67 -25.50 1.44 -18.40
CA LEU A 67 -25.45 0.91 -17.04
C LEU A 67 -26.59 1.47 -16.20
N LYS A 68 -27.51 0.57 -15.82
CA LYS A 68 -28.72 0.91 -15.08
C LYS A 68 -28.46 1.69 -13.80
N GLY A 69 -29.32 2.66 -13.52
CA GLY A 69 -29.28 3.39 -12.26
C GLY A 69 -28.18 4.42 -12.20
N ARG A 70 -27.44 4.57 -13.30
CA ARG A 70 -26.34 5.52 -13.36
C ARG A 70 -26.40 6.32 -14.65
N ILE A 71 -25.86 7.53 -14.62
CA ILE A 71 -25.74 8.33 -15.83
C ILE A 71 -24.46 7.95 -16.56
N ASN A 72 -24.61 7.54 -17.81
CA ASN A 72 -23.48 7.03 -18.60
C ASN A 72 -22.88 8.09 -19.50
N LEU A 73 -21.56 8.23 -19.47
CA LEU A 73 -20.87 9.14 -20.36
C LEU A 73 -19.73 8.43 -21.06
N VAL A 74 -19.68 8.57 -22.39
CA VAL A 74 -18.64 7.90 -23.18
C VAL A 74 -17.57 8.88 -23.65
N LEU A 75 -16.30 8.44 -23.59
CA LEU A 75 -15.19 9.25 -24.07
C LEU A 75 -14.75 8.77 -25.44
N SER A 76 -14.74 9.69 -26.42
CA SER A 76 -14.33 9.36 -27.78
C SER A 76 -14.13 10.62 -28.62
N ARG A 77 -13.14 10.57 -29.50
CA ARG A 77 -12.88 11.67 -30.42
C ARG A 77 -13.38 11.39 -31.84
N GLU A 78 -13.76 10.14 -32.09
CA GLU A 78 -14.23 9.74 -33.42
C GLU A 78 -15.75 9.83 -33.54
N LEU A 79 -16.46 9.49 -32.47
CA LEU A 79 -17.91 9.51 -32.49
C LEU A 79 -18.44 10.94 -32.58
N LYS A 80 -19.48 11.15 -33.39
CA LYS A 80 -20.02 12.50 -33.58
C LYS A 80 -21.17 12.73 -32.61
N GLU A 81 -21.73 11.64 -32.11
CA GLU A 81 -22.86 11.68 -31.20
C GLU A 81 -22.70 10.54 -30.22
N PRO A 82 -23.34 10.63 -29.03
CA PRO A 82 -23.32 9.49 -28.11
C PRO A 82 -23.86 8.23 -28.77
N PRO A 83 -23.26 7.07 -28.47
CA PRO A 83 -23.72 5.80 -29.05
C PRO A 83 -25.13 5.48 -28.59
N GLN A 84 -25.81 4.60 -29.32
CA GLN A 84 -27.19 4.22 -28.99
C GLN A 84 -27.29 3.68 -27.56
N GLY A 85 -28.07 4.37 -26.74
CA GLY A 85 -28.26 3.98 -25.35
C GLY A 85 -27.64 5.00 -24.41
N ALA A 86 -26.64 5.72 -24.90
CA ALA A 86 -25.99 6.76 -24.12
C ALA A 86 -26.54 8.12 -24.52
N HIS A 87 -26.38 9.10 -23.64
CA HIS A 87 -26.84 10.45 -23.92
C HIS A 87 -25.73 11.48 -23.76
N PHE A 88 -24.58 11.06 -23.24
CA PHE A 88 -23.44 11.96 -23.09
C PHE A 88 -22.15 11.42 -23.72
N LEU A 89 -21.44 12.30 -24.40
CA LEU A 89 -20.18 11.98 -25.06
C LEU A 89 -19.22 13.15 -24.94
N SER A 90 -17.98 12.87 -24.58
CA SER A 90 -16.98 13.91 -24.41
C SER A 90 -15.66 13.54 -25.09
N ARG A 91 -14.92 14.56 -25.53
CA ARG A 91 -13.65 14.31 -26.21
C ARG A 91 -12.53 13.94 -25.25
N SER A 92 -12.73 14.21 -23.97
CA SER A 92 -11.71 13.92 -22.97
C SER A 92 -12.31 13.90 -21.58
N LEU A 93 -11.56 13.38 -20.62
CA LEU A 93 -12.01 13.32 -19.24
C LEU A 93 -12.20 14.73 -18.70
N ASP A 94 -11.28 15.62 -19.07
N ASP A 94 -11.29 15.64 -19.07
CA ASP A 94 -11.32 17.03 -18.67
CA ASP A 94 -11.37 17.02 -18.62
C ASP A 94 -12.64 17.66 -19.11
C ASP A 94 -12.65 17.69 -19.11
N ASP A 95 -12.98 17.46 -20.39
CA ASP A 95 -14.22 17.97 -20.96
C ASP A 95 -15.45 17.44 -20.23
N ALA A 96 -15.41 16.16 -19.87
CA ALA A 96 -16.52 15.53 -19.16
C ALA A 96 -16.71 16.12 -17.77
N LEU A 97 -15.60 16.28 -17.04
CA LEU A 97 -15.65 16.86 -15.71
C LEU A 97 -16.15 18.29 -15.78
N LYS A 98 -15.72 19.03 -16.81
CA LYS A 98 -16.23 20.38 -17.00
C LYS A 98 -17.71 20.34 -17.32
N LEU A 99 -18.15 19.28 -17.99
CA LEU A 99 -19.55 19.09 -18.35
C LEU A 99 -20.41 18.83 -17.11
N THR A 100 -19.81 18.19 -16.11
CA THR A 100 -20.56 17.91 -14.87
C THR A 100 -20.96 19.17 -14.09
N GLU A 101 -20.47 20.33 -14.52
CA GLU A 101 -20.77 21.58 -13.83
C GLU A 101 -21.88 22.37 -14.53
N GLN A 102 -22.22 21.95 -15.74
CA GLN A 102 -23.29 22.58 -16.50
C GLN A 102 -24.65 22.16 -15.92
N PRO A 103 -25.67 23.03 -16.04
CA PRO A 103 -27.00 22.83 -15.44
C PRO A 103 -27.63 21.47 -15.72
N GLU A 104 -27.41 20.92 -16.91
CA GLU A 104 -28.00 19.63 -17.26
C GLU A 104 -27.46 18.48 -16.42
N LEU A 105 -26.28 18.65 -15.83
CA LEU A 105 -25.71 17.60 -14.98
C LEU A 105 -25.41 18.05 -13.55
N ALA A 106 -25.21 19.35 -13.37
CA ALA A 106 -24.77 19.93 -12.09
C ALA A 106 -25.52 19.41 -10.86
N ASN A 107 -26.85 19.39 -10.93
CA ASN A 107 -27.67 19.02 -9.78
C ASN A 107 -28.24 17.60 -9.82
N LYS A 108 -27.85 16.82 -10.82
CA LYS A 108 -28.30 15.44 -10.93
C LYS A 108 -27.21 14.42 -10.57
N VAL A 109 -25.96 14.86 -10.54
CA VAL A 109 -24.83 13.94 -10.36
C VAL A 109 -24.30 14.00 -8.93
N ASP A 110 -24.11 12.83 -8.32
CA ASP A 110 -23.45 12.73 -7.03
C ASP A 110 -21.96 12.43 -7.21
N MET A 111 -21.61 11.15 -7.28
CA MET A 111 -20.21 10.76 -7.43
C MET A 111 -19.86 10.53 -8.89
N VAL A 112 -18.59 10.76 -9.22
CA VAL A 112 -18.08 10.44 -10.55
C VAL A 112 -17.17 9.22 -10.49
N TRP A 113 -17.49 8.22 -11.29
CA TRP A 113 -16.72 6.97 -11.35
C TRP A 113 -16.17 6.70 -12.74
N ILE A 114 -14.85 6.60 -12.83
CA ILE A 114 -14.16 6.17 -14.04
C ILE A 114 -14.08 4.66 -13.99
N VAL A 115 -14.63 4.00 -15.01
CA VAL A 115 -14.72 2.55 -15.01
C VAL A 115 -13.93 1.87 -16.13
N GLY A 116 -13.00 2.59 -16.74
CA GLY A 116 -12.14 2.03 -17.77
C GLY A 116 -12.32 2.68 -19.13
N GLY A 117 -11.39 2.42 -20.05
CA GLY A 117 -10.26 1.54 -19.82
C GLY A 117 -8.94 2.23 -19.52
N SER A 118 -7.87 1.70 -20.10
CA SER A 118 -6.49 2.08 -19.74
C SER A 118 -6.19 3.57 -19.73
N SER A 119 -6.46 4.26 -20.83
CA SER A 119 -6.06 5.65 -20.97
C SER A 119 -6.97 6.61 -20.18
N VAL A 120 -8.23 6.23 -20.02
CA VAL A 120 -9.12 6.94 -19.12
C VAL A 120 -8.55 6.87 -17.71
N TYR A 121 -8.13 5.66 -17.32
CA TYR A 121 -7.51 5.45 -16.01
C TYR A 121 -6.28 6.32 -15.85
N LYS A 122 -5.42 6.32 -16.88
CA LYS A 122 -4.21 7.14 -16.86
C LYS A 122 -4.52 8.62 -16.62
N GLU A 123 -5.33 9.18 -17.53
CA GLU A 123 -5.72 10.58 -17.46
C GLU A 123 -6.31 10.93 -16.09
N ALA A 124 -7.14 10.03 -15.56
CA ALA A 124 -7.76 10.26 -14.27
C ALA A 124 -6.74 10.27 -13.14
N MET A 125 -5.85 9.29 -13.15
CA MET A 125 -4.84 9.15 -12.12
C MET A 125 -3.91 10.37 -12.05
N ASN A 126 -3.60 10.93 -13.21
N ASN A 126 -3.57 10.97 -13.18
CA ASN A 126 -2.73 12.10 -13.24
CA ASN A 126 -2.71 12.14 -13.15
C ASN A 126 -3.47 13.43 -13.03
C ASN A 126 -3.47 13.45 -12.97
N HIS A 127 -4.79 13.38 -13.05
CA HIS A 127 -5.64 14.54 -12.83
C HIS A 127 -5.50 15.04 -11.39
N PRO A 128 -5.40 16.36 -11.21
CA PRO A 128 -5.15 16.91 -9.87
C PRO A 128 -6.41 16.96 -9.00
N GLY A 129 -6.22 16.87 -7.69
CA GLY A 129 -7.34 16.94 -6.76
C GLY A 129 -7.55 15.67 -5.96
N HIS A 130 -8.62 15.63 -5.18
CA HIS A 130 -8.94 14.47 -4.36
C HIS A 130 -9.41 13.32 -5.23
N LEU A 131 -8.59 12.28 -5.33
CA LEU A 131 -8.91 11.13 -6.18
C LEU A 131 -8.80 9.82 -5.40
N LYS A 132 -9.80 8.96 -5.56
CA LYS A 132 -9.74 7.65 -4.91
C LYS A 132 -9.69 6.51 -5.91
N LEU A 133 -8.82 5.53 -5.66
CA LEU A 133 -8.70 4.37 -6.55
C LEU A 133 -9.22 3.10 -5.90
N PHE A 134 -10.32 2.57 -6.41
CA PHE A 134 -10.81 1.29 -5.94
C PHE A 134 -10.29 0.18 -6.84
N VAL A 135 -9.31 -0.56 -6.32
CA VAL A 135 -8.57 -1.54 -7.09
C VAL A 135 -8.76 -2.96 -6.56
N THR A 136 -9.36 -3.83 -7.36
CA THR A 136 -9.49 -5.23 -7.01
C THR A 136 -8.28 -5.99 -7.51
N ARG A 137 -7.45 -6.44 -6.57
CA ARG A 137 -6.26 -7.20 -6.90
C ARG A 137 -6.63 -8.67 -7.04
N ILE A 138 -6.68 -9.14 -8.27
CA ILE A 138 -6.97 -10.54 -8.52
C ILE A 138 -5.69 -11.35 -8.48
N MET A 139 -5.59 -12.20 -7.46
CA MET A 139 -4.33 -12.84 -7.08
C MET A 139 -3.99 -14.03 -7.97
N GLN A 140 -3.86 -13.76 -9.27
CA GLN A 140 -3.59 -14.80 -10.26
C GLN A 140 -3.19 -14.13 -11.58
N ASP A 141 -2.42 -14.82 -12.40
CA ASP A 141 -2.04 -14.29 -13.70
C ASP A 141 -3.07 -14.67 -14.76
N PHE A 142 -3.37 -13.73 -15.65
CA PHE A 142 -4.29 -13.99 -16.74
C PHE A 142 -3.82 -13.32 -18.02
N GLU A 143 -4.04 -14.00 -19.14
CA GLU A 143 -3.67 -13.51 -20.46
C GLU A 143 -4.46 -12.23 -20.77
N SER A 144 -3.74 -11.15 -21.07
CA SER A 144 -4.38 -9.85 -21.24
C SER A 144 -3.80 -9.05 -22.41
N ASP A 145 -4.63 -8.24 -23.04
CA ASP A 145 -4.17 -7.33 -24.09
C ASP A 145 -4.36 -5.86 -23.71
N THR A 146 -4.96 -5.63 -22.55
CA THR A 146 -5.14 -4.27 -22.03
C THR A 146 -4.67 -4.25 -20.58
N PHE A 147 -4.07 -3.13 -20.16
CA PHE A 147 -3.39 -3.11 -18.87
C PHE A 147 -3.69 -1.87 -18.02
N PHE A 148 -3.61 -2.06 -16.71
CA PHE A 148 -3.81 -0.97 -15.75
C PHE A 148 -2.48 -0.27 -15.49
N PRO A 149 -2.45 1.05 -15.66
CA PRO A 149 -1.23 1.84 -15.40
C PRO A 149 -0.81 1.71 -13.94
N GLU A 150 0.50 1.57 -13.71
CA GLU A 150 1.01 1.44 -12.35
C GLU A 150 0.69 2.66 -11.50
N ILE A 151 0.43 2.41 -10.23
CA ILE A 151 0.05 3.47 -9.30
C ILE A 151 1.29 4.14 -8.72
N ASP A 152 1.36 5.47 -8.85
CA ASP A 152 2.47 6.22 -8.28
C ASP A 152 2.36 6.24 -6.76
N LEU A 153 3.16 5.40 -6.12
CA LEU A 153 3.14 5.27 -4.66
C LEU A 153 3.75 6.45 -3.93
N GLU A 154 4.09 7.52 -4.66
CA GLU A 154 4.55 8.75 -4.03
C GLU A 154 3.42 9.76 -4.01
N LYS A 155 2.40 9.51 -4.81
CA LYS A 155 1.20 10.36 -4.79
C LYS A 155 0.10 9.71 -3.96
N TYR A 156 0.02 8.38 -4.01
CA TYR A 156 -1.07 7.66 -3.35
C TYR A 156 -0.68 6.98 -2.05
N LYS A 157 -1.65 6.93 -1.13
CA LYS A 157 -1.53 6.16 0.10
C LYS A 157 -2.46 4.96 -0.06
N LEU A 158 -2.04 3.80 0.41
CA LEU A 158 -2.93 2.65 0.45
C LEU A 158 -3.64 2.64 1.80
N LEU A 159 -4.96 2.66 1.79
CA LEU A 159 -5.71 2.65 3.04
C LEU A 159 -5.82 1.23 3.56
N PRO A 160 -5.67 1.05 4.88
CA PRO A 160 -5.73 -0.29 5.46
C PRO A 160 -7.15 -0.83 5.43
N GLU A 161 -8.11 0.07 5.61
CA GLU A 161 -9.52 -0.27 5.54
C GLU A 161 -10.29 0.91 4.94
N TYR A 162 -11.41 0.60 4.29
CA TYR A 162 -12.30 1.64 3.81
C TYR A 162 -13.73 1.25 4.16
N PRO A 163 -14.55 2.22 4.62
CA PRO A 163 -15.93 1.98 5.05
C PRO A 163 -16.76 1.24 4.02
N GLY A 164 -17.34 0.11 4.42
CA GLY A 164 -18.21 -0.66 3.55
C GLY A 164 -17.45 -1.71 2.76
N VAL A 165 -16.14 -1.60 2.75
CA VAL A 165 -15.30 -2.52 1.98
C VAL A 165 -14.58 -3.52 2.89
N LEU A 166 -14.67 -4.80 2.55
CA LEU A 166 -13.99 -5.84 3.30
C LEU A 166 -12.52 -5.96 2.88
N SER A 167 -11.63 -6.04 3.86
CA SER A 167 -10.20 -6.05 3.57
C SER A 167 -9.61 -7.46 3.53
N ASP A 168 -10.43 -8.46 3.81
CA ASP A 168 -9.98 -9.85 3.80
C ASP A 168 -9.98 -10.40 2.37
N VAL A 169 -9.30 -11.52 2.18
CA VAL A 169 -9.26 -12.21 0.88
C VAL A 169 -10.59 -12.88 0.50
N GLN A 170 -11.01 -12.64 -0.73
CA GLN A 170 -12.21 -13.25 -1.29
C GLN A 170 -11.83 -14.39 -2.23
N GLU A 171 -12.75 -15.31 -2.46
N GLU A 171 -12.75 -15.32 -2.45
CA GLU A 171 -12.51 -16.40 -3.39
CA GLU A 171 -12.52 -16.42 -3.37
C GLU A 171 -13.80 -16.94 -4.03
C GLU A 171 -13.82 -16.92 -4.03
N GLU A 172 -13.82 -16.92 -5.35
CA GLU A 172 -14.87 -17.56 -6.13
C GLU A 172 -14.19 -18.27 -7.28
N LYS A 173 -14.79 -19.36 -7.75
CA LYS A 173 -14.31 -20.08 -8.94
C LYS A 173 -12.83 -20.45 -8.85
N GLY A 174 -12.35 -20.70 -7.63
CA GLY A 174 -10.96 -21.04 -7.41
C GLY A 174 -10.03 -19.85 -7.55
N ILE A 175 -10.60 -18.67 -7.73
CA ILE A 175 -9.80 -17.46 -7.90
C ILE A 175 -9.89 -16.55 -6.68
N LYS A 176 -8.73 -16.19 -6.14
CA LYS A 176 -8.66 -15.34 -4.96
C LYS A 176 -8.38 -13.90 -5.35
N TYR A 177 -9.04 -12.97 -4.67
CA TYR A 177 -8.80 -11.54 -4.92
C TYR A 177 -8.99 -10.69 -3.67
N LYS A 178 -8.69 -9.41 -3.76
CA LYS A 178 -8.76 -8.53 -2.59
C LYS A 178 -9.13 -7.11 -2.97
N PHE A 179 -10.00 -6.47 -2.18
CA PHE A 179 -10.40 -5.10 -2.43
C PHE A 179 -9.44 -4.11 -1.78
N GLU A 180 -8.84 -3.24 -2.58
CA GLU A 180 -7.96 -2.20 -2.07
C GLU A 180 -8.49 -0.82 -2.40
N VAL A 181 -8.18 0.15 -1.54
CA VAL A 181 -8.54 1.53 -1.78
C VAL A 181 -7.33 2.46 -1.59
N TYR A 182 -6.92 3.07 -2.69
CA TYR A 182 -5.81 4.02 -2.68
C TYR A 182 -6.40 5.43 -2.65
N GLU A 183 -5.63 6.39 -2.13
CA GLU A 183 -6.14 7.75 -2.00
C GLU A 183 -5.05 8.79 -2.22
N LYS A 184 -5.41 9.90 -2.85
CA LYS A 184 -4.56 11.08 -2.88
C LYS A 184 -5.44 12.32 -2.84
N ASN A 185 -4.92 13.42 -2.31
CA ASN A 185 -5.64 14.69 -2.34
C ASN A 185 -4.83 15.83 -2.94
N ASP A 186 -3.55 15.57 -3.19
CA ASP A 186 -2.63 16.55 -3.80
C ASP A 186 -2.40 17.75 -2.88
N VAL B 1 10.26 -10.39 -2.25
CA VAL B 1 10.46 -10.23 -0.81
C VAL B 1 11.55 -11.16 -0.30
N GLY B 2 12.56 -10.57 0.33
CA GLY B 2 13.69 -11.33 0.84
C GLY B 2 13.65 -11.57 2.33
N SER B 3 14.79 -11.36 2.98
CA SER B 3 15.00 -11.70 4.37
C SER B 3 14.05 -10.99 5.34
N LEU B 4 13.78 -11.63 6.46
CA LEU B 4 13.08 -10.99 7.57
C LEU B 4 14.03 -10.72 8.73
N ASN B 5 14.25 -9.44 8.99
CA ASN B 5 15.25 -9.03 9.97
C ASN B 5 14.68 -8.01 10.94
N CYS B 6 15.07 -8.11 12.20
CA CYS B 6 14.78 -7.08 13.20
C CYS B 6 16.09 -6.35 13.43
N ILE B 7 16.01 -5.07 13.77
CA ILE B 7 17.20 -4.33 14.16
C ILE B 7 16.91 -3.42 15.34
N VAL B 8 17.74 -3.51 16.37
CA VAL B 8 17.48 -2.81 17.61
C VAL B 8 18.78 -2.46 18.33
N ALA B 9 18.80 -1.31 19.01
CA ALA B 9 19.87 -0.99 19.93
C ALA B 9 19.28 -1.05 21.33
N VAL B 10 19.94 -1.79 22.21
CA VAL B 10 19.38 -2.05 23.53
C VAL B 10 20.42 -1.90 24.64
N SER B 11 20.03 -1.24 25.72
CA SER B 11 20.94 -1.02 26.84
C SER B 11 21.09 -2.29 27.68
N GLN B 12 21.93 -2.22 28.70
CA GLN B 12 22.22 -3.36 29.55
C GLN B 12 20.98 -3.78 30.35
N ASN B 13 20.15 -2.81 30.71
CA ASN B 13 18.90 -3.09 31.40
C ASN B 13 17.74 -3.33 30.43
N MET B 14 18.08 -3.77 29.22
CA MET B 14 17.12 -4.12 28.19
C MET B 14 16.25 -2.95 27.70
N GLY B 15 16.74 -1.73 27.88
CA GLY B 15 16.00 -0.55 27.48
C GLY B 15 16.25 -0.12 26.04
N ILE B 16 15.21 0.39 25.38
CA ILE B 16 15.33 0.87 24.00
C ILE B 16 14.80 2.28 23.83
N GLY B 17 13.99 2.76 24.77
CA GLY B 17 13.39 4.07 24.64
C GLY B 17 13.15 4.81 25.95
N LYS B 18 13.06 6.14 25.84
CA LYS B 18 12.81 6.99 26.99
C LYS B 18 12.24 8.33 26.53
N ASN B 19 10.99 8.60 26.92
CA ASN B 19 10.29 9.83 26.55
C ASN B 19 10.27 10.10 25.04
N GLY B 20 9.98 9.06 24.26
CA GLY B 20 9.90 9.19 22.82
C GLY B 20 11.26 9.46 22.20
N ASP B 21 12.31 9.06 22.90
CA ASP B 21 13.67 9.28 22.44
C ASP B 21 14.53 8.09 22.83
N LEU B 22 15.77 8.07 22.37
CA LEU B 22 16.70 7.03 22.76
C LEU B 22 17.20 7.31 24.17
N PRO B 23 17.38 6.26 24.97
CA PRO B 23 17.80 6.41 26.37
C PRO B 23 19.20 7.00 26.51
N TRP B 24 20.01 6.82 25.47
CA TRP B 24 21.40 7.26 25.48
C TRP B 24 21.59 8.46 24.56
N PRO B 25 22.67 9.23 24.76
N PRO B 25 22.64 9.25 24.78
CA PRO B 25 23.02 10.32 23.85
CA PRO B 25 22.98 10.35 23.86
C PRO B 25 23.29 9.78 22.45
C PRO B 25 23.32 9.80 22.47
N PRO B 26 23.20 10.63 21.42
CA PRO B 26 23.44 10.20 20.05
C PRO B 26 24.79 9.51 19.85
N LEU B 27 24.73 8.28 19.32
CA LEU B 27 25.93 7.55 18.95
C LEU B 27 25.98 7.52 17.44
N ARG B 28 26.90 8.30 16.88
CA ARG B 28 26.95 8.55 15.43
C ARG B 28 27.09 7.27 14.59
N ASN B 29 28.00 6.39 15.00
CA ASN B 29 28.29 5.20 14.21
C ASN B 29 27.25 4.10 14.39
N GLU B 30 26.54 4.13 15.51
CA GLU B 30 25.42 3.22 15.72
C GLU B 30 24.31 3.62 14.76
N PHE B 31 24.14 4.94 14.62
CA PHE B 31 23.17 5.50 13.69
C PHE B 31 23.53 5.14 12.25
N ARG B 32 24.82 5.30 11.92
CA ARG B 32 25.30 5.00 10.58
C ARG B 32 25.11 3.51 10.29
N TYR B 33 25.33 2.68 11.31
CA TYR B 33 25.15 1.24 11.20
C TYR B 33 23.68 0.91 10.90
N PHE B 34 22.78 1.54 11.66
CA PHE B 34 21.34 1.33 11.45
C PHE B 34 20.94 1.73 10.03
N GLN B 35 21.37 2.91 9.61
CA GLN B 35 21.04 3.45 8.31
C GLN B 35 21.54 2.57 7.18
N ARG B 36 22.80 2.14 7.27
N ARG B 36 22.81 2.17 7.26
CA ARG B 36 23.39 1.37 6.18
CA ARG B 36 23.43 1.37 6.23
C ARG B 36 22.86 -0.06 6.15
C ARG B 36 22.80 -0.02 6.16
N MET B 37 22.52 -0.60 7.32
CA MET B 37 21.92 -1.93 7.38
C MET B 37 20.49 -1.94 6.82
N THR B 38 19.71 -0.92 7.15
CA THR B 38 18.32 -0.89 6.69
C THR B 38 18.16 -0.40 5.25
N THR B 39 19.09 0.43 4.78
CA THR B 39 18.96 1.03 3.46
C THR B 39 19.54 0.17 2.34
N THR B 40 20.60 -0.58 2.63
CA THR B 40 21.34 -1.29 1.59
C THR B 40 20.55 -2.49 1.04
N SER B 41 20.15 -2.38 -0.22
CA SER B 41 19.48 -3.46 -0.92
C SER B 41 20.49 -4.28 -1.73
N SER B 42 20.29 -5.59 -1.76
CA SER B 42 21.18 -6.49 -2.47
C SER B 42 20.72 -6.73 -3.91
N VAL B 43 19.69 -6.01 -4.33
CA VAL B 43 19.11 -6.19 -5.66
C VAL B 43 18.88 -4.84 -6.34
N GLU B 44 19.38 -4.72 -7.57
CA GLU B 44 19.20 -3.50 -8.35
C GLU B 44 17.73 -3.23 -8.62
N GLY B 45 17.32 -1.97 -8.51
CA GLY B 45 15.96 -1.57 -8.78
C GLY B 45 15.00 -1.80 -7.64
N LYS B 46 15.51 -2.36 -6.54
CA LYS B 46 14.67 -2.62 -5.37
C LYS B 46 15.10 -1.83 -4.14
N GLN B 47 14.13 -1.55 -3.26
CA GLN B 47 14.39 -0.88 -2.00
C GLN B 47 14.06 -1.82 -0.85
N ASN B 48 14.63 -1.56 0.32
CA ASN B 48 14.24 -2.29 1.52
C ASN B 48 13.00 -1.67 2.16
N LEU B 49 12.25 -2.50 2.87
CA LEU B 49 11.03 -2.07 3.55
C LEU B 49 11.30 -1.94 5.04
N VAL B 50 10.98 -0.80 5.62
CA VAL B 50 11.03 -0.69 7.07
C VAL B 50 9.63 -0.69 7.68
N ILE B 51 9.42 -1.59 8.64
CA ILE B 51 8.16 -1.68 9.35
C ILE B 51 8.35 -1.16 10.77
N MET B 52 7.54 -0.18 11.16
CA MET B 52 7.64 0.38 12.50
C MET B 52 6.29 0.65 13.13
N GLY B 53 6.27 0.77 14.45
CA GLY B 53 5.07 1.14 15.17
C GLY B 53 4.86 2.64 15.09
N LYS B 54 3.68 3.08 15.51
CA LYS B 54 3.29 4.48 15.41
C LYS B 54 4.20 5.41 16.23
N LYS B 55 4.52 4.99 17.44
CA LYS B 55 5.37 5.77 18.33
C LYS B 55 6.80 5.89 17.79
N THR B 56 7.31 4.79 17.24
CA THR B 56 8.62 4.81 16.61
C THR B 56 8.62 5.79 15.45
N TRP B 57 7.55 5.75 14.66
CA TRP B 57 7.40 6.68 13.54
C TRP B 57 7.47 8.11 14.02
N PHE B 58 6.68 8.44 15.05
CA PHE B 58 6.62 9.81 15.52
C PHE B 58 7.83 10.23 16.36
N SER B 59 8.67 9.28 16.72
CA SER B 59 9.87 9.60 17.50
C SER B 59 10.99 10.06 16.56
N ILE B 60 10.86 9.73 15.29
CA ILE B 60 11.80 10.14 14.26
C ILE B 60 11.52 11.60 13.92
N PRO B 61 12.56 12.45 13.97
CA PRO B 61 12.43 13.88 13.63
C PRO B 61 11.70 14.06 12.30
N GLU B 62 10.71 14.95 12.29
CA GLU B 62 9.80 15.15 11.16
C GLU B 62 10.51 15.33 9.82
N LYS B 63 11.66 15.99 9.84
CA LYS B 63 12.40 16.28 8.62
C LYS B 63 13.13 15.06 8.10
N ASN B 64 13.09 13.98 8.89
CA ASN B 64 13.72 12.72 8.49
C ASN B 64 12.68 11.65 8.15
N ARG B 65 11.41 12.03 8.16
CA ARG B 65 10.35 11.11 7.77
C ARG B 65 9.85 11.43 6.36
N PRO B 66 9.64 10.39 5.53
CA PRO B 66 9.90 8.99 5.84
C PRO B 66 11.39 8.68 5.76
N LEU B 67 11.81 7.53 6.29
CA LEU B 67 13.20 7.14 6.22
C LEU B 67 13.66 7.03 4.76
N LYS B 68 14.57 7.93 4.39
CA LYS B 68 15.07 8.04 3.01
C LYS B 68 15.63 6.73 2.47
N GLY B 69 15.36 6.47 1.18
CA GLY B 69 15.93 5.34 0.49
C GLY B 69 15.27 4.02 0.86
N ARG B 70 14.23 4.08 1.67
CA ARG B 70 13.53 2.88 2.11
C ARG B 70 12.03 3.08 2.03
N ILE B 71 11.29 2.00 1.84
CA ILE B 71 9.84 2.06 1.86
C ILE B 71 9.36 1.94 3.31
N ASN B 72 8.60 2.93 3.75
CA ASN B 72 8.16 3.00 5.14
C ASN B 72 6.75 2.46 5.31
N LEU B 73 6.58 1.58 6.29
CA LEU B 73 5.26 1.05 6.61
C LEU B 73 5.00 1.20 8.11
N VAL B 74 3.85 1.77 8.45
CA VAL B 74 3.52 1.99 9.86
C VAL B 74 2.47 0.99 10.37
N LEU B 75 2.68 0.48 11.58
CA LEU B 75 1.71 -0.43 12.20
C LEU B 75 0.85 0.33 13.19
N SER B 76 -0.47 0.27 13.01
CA SER B 76 -1.41 0.95 13.89
C SER B 76 -2.85 0.50 13.65
N ARG B 77 -3.63 0.43 14.72
CA ARG B 77 -5.04 0.07 14.63
C ARG B 77 -5.96 1.28 14.78
N GLU B 78 -5.40 2.41 15.18
CA GLU B 78 -6.19 3.63 15.39
C GLU B 78 -6.20 4.51 14.15
N LEU B 79 -5.07 4.59 13.47
CA LEU B 79 -4.96 5.43 12.28
C LEU B 79 -5.79 4.86 11.14
N LYS B 80 -6.49 5.75 10.45
CA LYS B 80 -7.38 5.38 9.36
C LYS B 80 -6.62 5.55 8.05
N GLU B 81 -5.49 6.23 8.16
CA GLU B 81 -4.71 6.63 7.00
C GLU B 81 -3.24 6.49 7.38
N PRO B 82 -2.38 6.25 6.38
CA PRO B 82 -0.95 6.35 6.68
C PRO B 82 -0.67 7.77 7.14
N PRO B 83 0.20 7.95 8.13
CA PRO B 83 0.54 9.29 8.61
C PRO B 83 1.20 10.13 7.52
N GLN B 84 1.21 11.45 7.69
CA GLN B 84 1.80 12.37 6.73
C GLN B 84 3.26 12.00 6.46
N GLY B 85 3.56 11.62 5.23
CA GLY B 85 4.91 11.25 4.85
C GLY B 85 5.02 9.77 4.52
N ALA B 86 4.11 8.97 5.09
CA ALA B 86 4.09 7.54 4.83
C ALA B 86 3.02 7.22 3.80
N HIS B 87 3.15 6.07 3.16
CA HIS B 87 2.17 5.64 2.16
C HIS B 87 1.59 4.27 2.48
N PHE B 88 2.15 3.58 3.47
CA PHE B 88 1.63 2.27 3.87
C PHE B 88 1.34 2.17 5.37
N LEU B 89 0.19 1.56 5.68
CA LEU B 89 -0.25 1.35 7.06
C LEU B 89 -0.93 -0.01 7.19
N SER B 90 -0.58 -0.74 8.24
CA SER B 90 -1.15 -2.06 8.46
C SER B 90 -1.60 -2.24 9.90
N ARG B 91 -2.61 -3.08 10.09
CA ARG B 91 -3.17 -3.32 11.43
C ARG B 91 -2.30 -4.24 12.26
N SER B 92 -1.39 -4.95 11.60
CA SER B 92 -0.50 -5.88 12.29
C SER B 92 0.68 -6.23 11.39
N LEU B 93 1.70 -6.86 11.99
CA LEU B 93 2.87 -7.30 11.25
C LEU B 93 2.47 -8.33 10.21
N ASP B 94 1.56 -9.22 10.59
N ASP B 94 1.55 -9.21 10.58
CA ASP B 94 1.03 -10.25 9.70
CA ASP B 94 1.06 -10.25 9.70
C ASP B 94 0.45 -9.65 8.44
C ASP B 94 0.45 -9.65 8.43
N ASP B 95 -0.43 -8.65 8.62
CA ASP B 95 -1.06 -7.96 7.50
C ASP B 95 -0.03 -7.28 6.60
N ALA B 96 1.01 -6.72 7.20
CA ALA B 96 2.07 -6.06 6.46
C ALA B 96 2.85 -7.05 5.59
N LEU B 97 3.20 -8.19 6.20
CA LEU B 97 3.93 -9.22 5.47
C LEU B 97 3.09 -9.78 4.34
N LYS B 98 1.79 -9.94 4.58
CA LYS B 98 0.90 -10.38 3.51
C LYS B 98 0.82 -9.29 2.42
N LEU B 99 0.94 -8.04 2.83
CA LEU B 99 0.90 -6.92 1.91
C LEU B 99 2.14 -6.87 1.02
N THR B 100 3.27 -7.33 1.54
CA THR B 100 4.51 -7.34 0.75
C THR B 100 4.45 -8.27 -0.47
N GLU B 101 3.39 -9.08 -0.54
CA GLU B 101 3.24 -10.05 -1.63
C GLU B 101 2.31 -9.53 -2.72
N GLN B 102 1.62 -8.43 -2.43
CA GLN B 102 0.74 -7.80 -3.40
C GLN B 102 1.55 -7.05 -4.46
N PRO B 103 1.02 -6.95 -5.69
CA PRO B 103 1.72 -6.37 -6.84
C PRO B 103 2.36 -4.99 -6.58
N GLU B 104 1.71 -4.15 -5.78
CA GLU B 104 2.24 -2.81 -5.51
C GLU B 104 3.57 -2.83 -4.75
N LEU B 105 3.84 -3.93 -4.03
CA LEU B 105 5.07 -4.05 -3.27
C LEU B 105 5.94 -5.26 -3.66
N ALA B 106 5.30 -6.28 -4.22
CA ALA B 106 5.96 -7.56 -4.53
C ALA B 106 7.32 -7.44 -5.22
N ASN B 107 7.38 -6.60 -6.25
CA ASN B 107 8.58 -6.49 -7.07
C ASN B 107 9.42 -5.26 -6.76
N LYS B 108 9.02 -4.52 -5.73
CA LYS B 108 9.73 -3.30 -5.34
C LYS B 108 10.56 -3.49 -4.07
N VAL B 109 10.27 -4.55 -3.33
CA VAL B 109 10.87 -4.76 -2.00
C VAL B 109 11.95 -5.85 -2.02
N ASP B 110 13.09 -5.55 -1.40
CA ASP B 110 14.12 -6.56 -1.18
C ASP B 110 14.02 -7.16 0.23
N MET B 111 14.70 -6.54 1.19
CA MET B 111 14.71 -7.03 2.56
C MET B 111 13.64 -6.33 3.41
N VAL B 112 13.12 -7.05 4.40
CA VAL B 112 12.21 -6.46 5.36
C VAL B 112 12.87 -6.27 6.72
N TRP B 113 12.83 -5.04 7.21
CA TRP B 113 13.45 -4.68 8.49
C TRP B 113 12.42 -4.12 9.47
N ILE B 114 12.28 -4.81 10.60
CA ILE B 114 11.49 -4.31 11.72
C ILE B 114 12.41 -3.45 12.58
N VAL B 115 12.01 -2.19 12.77
CA VAL B 115 12.88 -1.23 13.44
C VAL B 115 12.30 -0.69 14.75
N GLY B 116 11.32 -1.39 15.31
CA GLY B 116 10.74 -1.00 16.59
C GLY B 116 9.28 -0.60 16.50
N GLY B 117 8.59 -0.51 17.63
CA GLY B 117 9.19 -0.71 18.94
C GLY B 117 8.92 -2.07 19.55
N SER B 118 8.66 -2.08 20.86
CA SER B 118 8.59 -3.31 21.66
C SER B 118 7.69 -4.42 21.10
N SER B 119 6.43 -4.09 20.85
CA SER B 119 5.47 -5.12 20.46
C SER B 119 5.63 -5.60 19.01
N VAL B 120 6.12 -4.71 18.16
CA VAL B 120 6.52 -5.08 16.81
C VAL B 120 7.63 -6.13 16.90
N TYR B 121 8.61 -5.84 17.76
CA TYR B 121 9.72 -6.75 17.99
C TYR B 121 9.21 -8.10 18.49
N LYS B 122 8.31 -8.07 19.46
CA LYS B 122 7.72 -9.29 20.00
C LYS B 122 7.05 -10.13 18.92
N GLU B 123 6.08 -9.53 18.23
CA GLU B 123 5.34 -10.20 17.17
C GLU B 123 6.27 -10.79 16.12
N ALA B 124 7.31 -10.04 15.76
CA ALA B 124 8.27 -10.50 14.76
C ALA B 124 9.06 -11.70 15.28
N MET B 125 9.53 -11.57 16.51
CA MET B 125 10.33 -12.60 17.16
C MET B 125 9.59 -13.92 17.25
N ASN B 126 8.29 -13.84 17.50
CA ASN B 126 7.48 -15.05 17.58
C ASN B 126 6.99 -15.56 16.22
N HIS B 127 7.15 -14.73 15.18
CA HIS B 127 6.73 -15.09 13.83
C HIS B 127 7.60 -16.24 13.30
N PRO B 128 6.98 -17.22 12.63
CA PRO B 128 7.70 -18.42 12.18
C PRO B 128 8.50 -18.18 10.90
N GLY B 129 9.58 -18.93 10.72
CA GLY B 129 10.39 -18.82 9.53
C GLY B 129 11.80 -18.34 9.81
N HIS B 130 12.57 -18.11 8.75
CA HIS B 130 13.94 -17.63 8.88
C HIS B 130 13.95 -16.18 9.34
N LEU B 131 14.39 -15.95 10.56
CA LEU B 131 14.41 -14.62 11.14
C LEU B 131 15.80 -14.27 11.67
N LYS B 132 16.27 -13.06 11.36
CA LYS B 132 17.55 -12.61 11.89
C LYS B 132 17.39 -11.41 12.82
N LEU B 133 18.10 -11.43 13.94
CA LEU B 133 18.06 -10.33 14.90
C LEU B 133 19.38 -9.58 14.95
N PHE B 134 19.38 -8.33 14.50
CA PHE B 134 20.55 -7.48 14.63
C PHE B 134 20.43 -6.64 15.90
N VAL B 135 21.19 -7.03 16.91
CA VAL B 135 21.08 -6.44 18.24
C VAL B 135 22.36 -5.74 18.67
N THR B 136 22.29 -4.43 18.86
CA THR B 136 23.40 -3.67 19.37
C THR B 136 23.34 -3.65 20.89
N ARG B 137 24.27 -4.35 21.53
CA ARG B 137 24.35 -4.41 22.97
C ARG B 137 25.13 -3.21 23.49
N ILE B 138 24.42 -2.25 24.06
CA ILE B 138 25.06 -1.09 24.64
C ILE B 138 25.45 -1.36 26.08
N MET B 139 26.75 -1.43 26.32
CA MET B 139 27.31 -1.95 27.56
C MET B 139 27.25 -0.95 28.72
N GLN B 140 26.05 -0.51 29.04
CA GLN B 140 25.83 0.48 30.08
C GLN B 140 24.34 0.52 30.42
N ASP B 141 24.01 0.92 31.64
CA ASP B 141 22.61 1.04 32.04
C ASP B 141 22.10 2.43 31.72
N PHE B 142 20.85 2.51 31.23
CA PHE B 142 20.22 3.78 30.94
C PHE B 142 18.75 3.75 31.35
N GLU B 143 18.27 4.87 31.87
CA GLU B 143 16.88 5.01 32.30
C GLU B 143 15.95 4.86 31.09
N SER B 144 15.01 3.92 31.18
CA SER B 144 14.17 3.59 30.03
C SER B 144 12.71 3.37 30.43
N ASP B 145 11.79 3.69 29.51
CA ASP B 145 10.38 3.40 29.69
C ASP B 145 9.85 2.40 28.66
N THR B 146 10.72 2.02 27.72
CA THR B 146 10.37 1.02 26.72
C THR B 146 11.48 -0.02 26.67
N PHE B 147 11.11 -1.28 26.46
CA PHE B 147 12.06 -2.37 26.62
C PHE B 147 12.04 -3.39 25.48
N PHE B 148 13.20 -4.03 25.27
CA PHE B 148 13.33 -5.07 24.27
C PHE B 148 12.98 -6.43 24.86
N PRO B 149 12.06 -7.16 24.22
CA PRO B 149 11.68 -8.50 24.68
C PRO B 149 12.89 -9.43 24.68
N GLU B 150 13.03 -10.24 25.72
CA GLU B 150 14.15 -11.18 25.84
C GLU B 150 14.16 -12.18 24.68
N ILE B 151 15.36 -12.55 24.24
CA ILE B 151 15.52 -13.48 23.13
C ILE B 151 15.45 -14.92 23.60
N ASP B 152 14.56 -15.71 22.99
CA ASP B 152 14.46 -17.13 23.32
C ASP B 152 15.67 -17.88 22.79
N LEU B 153 16.60 -18.19 23.68
CA LEU B 153 17.85 -18.85 23.32
C LEU B 153 17.71 -20.34 22.97
N GLU B 154 16.48 -20.83 22.88
CA GLU B 154 16.24 -22.21 22.45
C GLU B 154 15.78 -22.19 21.00
N LYS B 155 15.38 -21.00 20.56
CA LYS B 155 15.01 -20.78 19.16
C LYS B 155 16.17 -20.16 18.38
N TYR B 156 16.93 -19.28 19.04
CA TYR B 156 17.98 -18.54 18.35
C TYR B 156 19.40 -19.03 18.65
N LYS B 157 20.26 -18.91 17.64
CA LYS B 157 21.68 -19.12 17.79
C LYS B 157 22.34 -17.74 17.72
N LEU B 158 23.35 -17.52 18.54
CA LEU B 158 24.14 -16.30 18.40
C LEU B 158 25.31 -16.58 17.47
N LEU B 159 25.40 -15.81 16.39
CA LEU B 159 26.48 -16.02 15.44
C LEU B 159 27.75 -15.33 15.94
N PRO B 160 28.90 -15.99 15.79
CA PRO B 160 30.16 -15.41 16.26
C PRO B 160 30.59 -14.25 15.37
N GLU B 161 30.29 -14.36 14.08
CA GLU B 161 30.56 -13.32 13.12
C GLU B 161 29.46 -13.29 12.07
N TYR B 162 29.21 -12.11 11.52
CA TYR B 162 28.29 -11.96 10.41
C TYR B 162 28.95 -11.05 9.37
N PRO B 163 28.81 -11.41 8.08
CA PRO B 163 29.44 -10.67 6.98
C PRO B 163 29.12 -9.18 7.00
N GLY B 164 30.16 -8.35 7.02
CA GLY B 164 30.00 -6.91 6.99
C GLY B 164 29.92 -6.30 8.37
N VAL B 165 29.71 -7.14 9.37
CA VAL B 165 29.55 -6.68 10.74
C VAL B 165 30.80 -6.96 11.57
N LEU B 166 31.27 -5.94 12.28
CA LEU B 166 32.41 -6.12 13.17
C LEU B 166 31.96 -6.71 14.49
N SER B 167 32.70 -7.70 14.96
CA SER B 167 32.38 -8.42 16.18
C SER B 167 33.10 -7.72 17.31
N ASP B 168 33.62 -6.53 16.97
CA ASP B 168 34.41 -5.70 17.85
C ASP B 168 33.62 -4.96 18.92
N VAL B 169 34.31 -4.55 19.98
CA VAL B 169 33.75 -3.58 20.91
C VAL B 169 33.93 -2.21 20.28
N GLN B 170 32.85 -1.44 20.21
CA GLN B 170 32.87 -0.08 19.70
C GLN B 170 32.77 0.90 20.85
N GLU B 171 33.19 2.14 20.63
CA GLU B 171 33.07 3.16 21.66
C GLU B 171 32.96 4.59 21.11
N GLU B 172 31.89 5.27 21.51
CA GLU B 172 31.76 6.71 21.27
C GLU B 172 31.21 7.34 22.54
N LYS B 173 31.57 8.60 22.75
CA LYS B 173 31.02 9.41 23.84
C LYS B 173 31.15 8.73 25.19
N GLY B 174 32.22 7.95 25.36
CA GLY B 174 32.46 7.22 26.59
C GLY B 174 31.57 6.00 26.75
N ILE B 175 30.81 5.67 25.72
CA ILE B 175 29.89 4.53 25.75
C ILE B 175 30.36 3.38 24.87
N LYS B 176 30.47 2.20 25.46
CA LYS B 176 30.91 1.01 24.73
C LYS B 176 29.71 0.16 24.31
N TYR B 177 29.78 -0.39 23.09
CA TYR B 177 28.71 -1.26 22.61
C TYR B 177 29.24 -2.35 21.67
N LYS B 178 28.36 -3.26 21.26
CA LYS B 178 28.79 -4.37 20.40
C LYS B 178 27.68 -4.82 19.46
N PHE B 179 28.03 -5.11 18.21
CA PHE B 179 27.06 -5.59 17.25
C PHE B 179 26.93 -7.10 17.32
N GLU B 180 25.71 -7.57 17.59
CA GLU B 180 25.44 -9.01 17.63
C GLU B 180 24.41 -9.39 16.57
N VAL B 181 24.51 -10.61 16.08
CA VAL B 181 23.53 -11.15 15.14
C VAL B 181 23.04 -12.53 15.58
N TYR B 182 21.75 -12.59 15.90
CA TYR B 182 21.10 -13.84 16.28
C TYR B 182 20.34 -14.35 15.07
N GLU B 183 20.11 -15.66 15.02
CA GLU B 183 19.44 -16.26 13.88
C GLU B 183 18.54 -17.41 14.30
N LYS B 184 17.41 -17.56 13.63
CA LYS B 184 16.61 -18.77 13.74
C LYS B 184 16.02 -19.10 12.40
N ASN B 185 15.73 -20.37 12.17
CA ASN B 185 14.99 -20.78 10.98
C ASN B 185 13.79 -21.62 11.42
N ASP B 186 12.70 -20.91 11.71
CA ASP B 186 11.43 -21.44 12.24
C ASP B 186 11.48 -21.61 13.76
#